data_7PX2
#
_entry.id   7PX2
#
_cell.length_a   68.840
_cell.length_b   88.450
_cell.length_c   69.310
_cell.angle_alpha   90.000
_cell.angle_beta   116.710
_cell.angle_gamma   90.000
#
_symmetry.space_group_name_H-M   'P 1 21 1'
#
loop_
_entity.id
_entity.type
_entity.pdbx_description
1 polymer 'Conotoxin Mu8.1'
2 non-polymer '4-(2-HYDROXYETHYL)-1-PIPERAZINE ETHANESULFONIC ACID'
3 water water
#
_entity_poly.entity_id   1
_entity_poly.type   'polypeptide(L)'
_entity_poly.pdbx_seq_one_letter_code
;GENSDNLTHCRLFEFRLCLLECMSLTLDHCYARCTTVITQIHGSDTNRFDCTIFKTCYYRCYVLGKTEDHCWKGTATSVT
GDVGDLEFC
;
_entity_poly.pdbx_strand_id   A,B,C,D,E,F
#
loop_
_chem_comp.id
_chem_comp.type
_chem_comp.name
_chem_comp.formula
EPE non-polymer '4-(2-HYDROXYETHYL)-1-PIPERAZINE ETHANESULFONIC ACID' 'C8 H18 N2 O4 S'
#
# COMPACT_ATOMS: atom_id res chain seq x y z
N ASN A 6 -2.57 -14.96 -13.79
CA ASN A 6 -2.86 -13.76 -14.58
C ASN A 6 -3.29 -12.59 -13.71
N LEU A 7 -3.62 -12.88 -12.44
CA LEU A 7 -4.05 -11.86 -11.49
C LEU A 7 -3.00 -11.58 -10.42
N THR A 8 -1.74 -11.91 -10.70
CA THR A 8 -0.69 -11.69 -9.70
C THR A 8 -0.55 -10.21 -9.34
N HIS A 9 -0.82 -9.31 -10.29
CA HIS A 9 -0.70 -7.88 -10.03
C HIS A 9 -1.72 -7.39 -8.99
N CYS A 10 -2.73 -8.20 -8.65
CA CYS A 10 -3.77 -7.75 -7.75
C CYS A 10 -3.39 -7.90 -6.28
N ARG A 11 -2.36 -8.70 -5.98
CA ARG A 11 -1.94 -8.93 -4.60
C ARG A 11 -3.10 -9.41 -3.74
N LEU A 12 -3.84 -10.39 -4.27
CA LEU A 12 -5.06 -10.84 -3.62
C LEU A 12 -4.77 -11.57 -2.31
N PHE A 13 -3.67 -12.31 -2.24
CA PHE A 13 -3.31 -12.96 -0.99
C PHE A 13 -3.14 -11.93 0.12
N GLU A 14 -2.35 -10.88 -0.14
CA GLU A 14 -2.12 -9.88 0.90
C GLU A 14 -3.38 -9.12 1.23
N PHE A 15 -4.26 -8.93 0.24
CA PHE A 15 -5.55 -8.28 0.52
C PHE A 15 -6.38 -9.12 1.49
N ARG A 16 -6.41 -10.43 1.29
CA ARG A 16 -7.15 -11.29 2.20
C ARG A 16 -6.53 -11.27 3.59
N LEU A 17 -5.20 -11.29 3.67
CA LEU A 17 -4.54 -11.19 4.97
C LEU A 17 -5.04 -9.97 5.72
N CYS A 18 -5.03 -8.81 5.06
CA CYS A 18 -5.51 -7.58 5.67
C CYS A 18 -6.98 -7.71 6.06
N LEU A 19 -7.80 -8.28 5.16
CA LEU A 19 -9.23 -8.35 5.40
C LEU A 19 -9.54 -9.26 6.60
N LEU A 20 -8.85 -10.41 6.69
CA LEU A 20 -9.10 -11.32 7.80
C LEU A 20 -8.67 -10.72 9.12
N GLU A 21 -7.52 -10.04 9.16
CA GLU A 21 -7.11 -9.39 10.40
C GLU A 21 -8.07 -8.25 10.76
N CYS A 22 -8.53 -7.51 9.76
CA CYS A 22 -9.47 -6.43 10.00
C CYS A 22 -10.77 -6.97 10.60
N MET A 23 -11.23 -8.12 10.08
CA MET A 23 -12.43 -8.74 10.62
C MET A 23 -12.20 -9.30 12.02
N SER A 24 -11.02 -9.91 12.27
CA SER A 24 -10.75 -10.44 13.61
C SER A 24 -10.75 -9.33 14.66
N LEU A 25 -10.40 -8.10 14.27
CA LEU A 25 -10.52 -6.97 15.18
C LEU A 25 -11.93 -6.38 15.17
N THR A 26 -12.83 -6.96 14.37
CA THR A 26 -14.23 -6.54 14.31
C THR A 26 -14.35 -5.05 13.97
N LEU A 27 -13.56 -4.61 12.99
CA LEU A 27 -13.58 -3.22 12.54
C LEU A 27 -14.63 -2.99 11.46
N ASP A 28 -14.93 -1.72 11.23
CA ASP A 28 -15.90 -1.30 10.24
C ASP A 28 -15.24 -1.10 8.88
N HIS A 29 -16.00 -1.40 7.82
CA HIS A 29 -15.60 -1.06 6.46
C HIS A 29 -14.25 -1.68 6.11
N CYS A 30 -14.12 -2.96 6.42
CA CYS A 30 -12.85 -3.65 6.22
C CYS A 30 -12.50 -3.73 4.74
N TYR A 31 -13.50 -3.93 3.88
CA TYR A 31 -13.27 -3.93 2.45
C TYR A 31 -12.60 -2.62 2.01
N ALA A 32 -13.15 -1.49 2.44
CA ALA A 32 -12.57 -0.20 2.09
C ALA A 32 -11.18 -0.04 2.68
N ARG A 33 -11.01 -0.37 3.97
CA ARG A 33 -9.73 -0.16 4.62
C ARG A 33 -8.63 -0.96 3.92
N CYS A 34 -8.91 -2.22 3.60
CA CYS A 34 -7.87 -3.08 3.01
C CYS A 34 -7.63 -2.77 1.54
N THR A 35 -8.66 -2.38 0.80
CA THR A 35 -8.41 -1.91 -0.55
C THR A 35 -7.47 -0.70 -0.53
N THR A 36 -7.70 0.24 0.38
CA THR A 36 -6.86 1.43 0.46
C THR A 36 -5.43 1.07 0.84
N VAL A 37 -5.25 0.22 1.85
CA VAL A 37 -3.91 -0.12 2.30
C VAL A 37 -3.14 -0.88 1.21
N ILE A 38 -3.81 -1.76 0.48
CA ILE A 38 -3.12 -2.50 -0.57
C ILE A 38 -2.60 -1.55 -1.65
N THR A 39 -3.46 -0.64 -2.13
CA THR A 39 -3.00 0.30 -3.15
C THR A 39 -1.94 1.25 -2.61
N GLN A 40 -2.00 1.61 -1.32
CA GLN A 40 -0.95 2.44 -0.74
C GLN A 40 0.37 1.70 -0.59
N ILE A 41 0.36 0.38 -0.74
CA ILE A 41 1.59 -0.41 -0.72
C ILE A 41 2.10 -0.70 -2.13
N HIS A 42 1.19 -1.06 -3.04
CA HIS A 42 1.56 -1.60 -4.34
C HIS A 42 1.16 -0.73 -5.53
N GLY A 43 0.37 0.31 -5.33
CA GLY A 43 0.09 1.21 -6.42
C GLY A 43 -1.16 0.85 -7.19
N SER A 44 -1.32 1.52 -8.33
CA SER A 44 -2.58 1.49 -9.05
C SER A 44 -2.89 0.13 -9.65
N ASP A 45 -1.89 -0.73 -9.87
CA ASP A 45 -2.17 -2.02 -10.51
C ASP A 45 -3.18 -2.85 -9.72
N THR A 46 -3.23 -2.69 -8.39
CA THR A 46 -4.17 -3.47 -7.59
C THR A 46 -5.60 -2.96 -7.70
N ASN A 47 -5.84 -1.87 -8.44
CA ASN A 47 -7.18 -1.34 -8.65
C ASN A 47 -7.70 -1.62 -10.04
N ARG A 48 -7.05 -2.51 -10.78
CA ARG A 48 -7.49 -2.84 -12.12
C ARG A 48 -8.85 -3.54 -12.08
N PHE A 49 -9.56 -3.48 -13.20
CA PHE A 49 -10.92 -4.00 -13.22
C PHE A 49 -10.95 -5.51 -12.98
N ASP A 50 -9.94 -6.23 -13.45
CA ASP A 50 -9.94 -7.68 -13.22
C ASP A 50 -9.77 -7.99 -11.74
N CYS A 51 -8.94 -7.23 -11.04
CA CYS A 51 -8.91 -7.34 -9.57
C CYS A 51 -10.30 -7.06 -8.99
N THR A 52 -10.97 -6.03 -9.50
CA THR A 52 -12.29 -5.68 -8.99
C THR A 52 -13.30 -6.80 -9.26
N ILE A 53 -13.17 -7.48 -10.40
CA ILE A 53 -14.08 -8.58 -10.71
C ILE A 53 -13.90 -9.71 -9.70
N PHE A 54 -12.65 -10.11 -9.47
CA PHE A 54 -12.36 -11.16 -8.49
C PHE A 54 -12.89 -10.78 -7.12
N LYS A 55 -12.54 -9.58 -6.65
CA LYS A 55 -12.95 -9.16 -5.31
C LYS A 55 -14.46 -9.08 -5.17
N THR A 56 -15.15 -8.62 -6.22
CA THR A 56 -16.60 -8.51 -6.15
C THR A 56 -17.26 -9.88 -6.10
N CYS A 57 -16.76 -10.82 -6.91
CA CYS A 57 -17.26 -12.19 -6.84
C CYS A 57 -17.12 -12.75 -5.43
N TYR A 58 -15.94 -12.60 -4.85
CA TYR A 58 -15.67 -13.14 -3.52
C TYR A 58 -16.54 -12.47 -2.46
N TYR A 59 -16.55 -11.13 -2.42
CA TYR A 59 -17.21 -10.44 -1.34
C TYR A 59 -18.74 -10.50 -1.46
N ARG A 60 -19.27 -10.54 -2.69
CA ARG A 60 -20.70 -10.75 -2.85
C ARG A 60 -21.10 -12.10 -2.26
N CYS A 61 -20.35 -13.15 -2.60
CA CYS A 61 -20.59 -14.47 -2.02
C CYS A 61 -20.63 -14.37 -0.50
N TYR A 62 -19.69 -13.64 0.09
CA TYR A 62 -19.62 -13.50 1.54
C TYR A 62 -20.80 -12.68 2.07
N VAL A 63 -21.09 -11.56 1.43
CA VAL A 63 -22.17 -10.69 1.91
C VAL A 63 -23.49 -11.45 1.95
N LEU A 64 -23.67 -12.41 1.04
CA LEU A 64 -24.93 -13.14 0.98
C LEU A 64 -24.98 -14.33 1.93
N GLY A 65 -24.04 -14.44 2.87
CA GLY A 65 -24.14 -15.43 3.93
C GLY A 65 -23.30 -16.69 3.80
N LYS A 66 -22.61 -16.91 2.67
CA LYS A 66 -21.77 -18.09 2.57
C LYS A 66 -20.48 -17.87 3.34
N THR A 67 -19.92 -18.96 3.89
CA THR A 67 -18.78 -18.81 4.79
C THR A 67 -17.62 -18.16 4.03
N GLU A 68 -16.88 -17.30 4.73
CA GLU A 68 -15.82 -16.53 4.08
C GLU A 68 -14.79 -17.43 3.40
N ASP A 69 -14.37 -18.50 4.06
CA ASP A 69 -13.31 -19.34 3.52
C ASP A 69 -13.77 -20.05 2.24
N HIS A 70 -15.01 -20.52 2.22
CA HIS A 70 -15.53 -21.18 1.03
C HIS A 70 -15.70 -20.20 -0.11
N CYS A 71 -16.09 -18.95 0.18
CA CYS A 71 -16.20 -17.95 -0.86
C CYS A 71 -14.84 -17.65 -1.48
N TRP A 72 -13.81 -17.48 -0.64
CA TRP A 72 -12.48 -17.18 -1.16
C TRP A 72 -11.94 -18.34 -1.98
N LYS A 73 -11.95 -19.55 -1.41
CA LYS A 73 -11.43 -20.71 -2.12
C LYS A 73 -12.21 -20.94 -3.41
N GLY A 74 -13.54 -20.82 -3.35
CA GLY A 74 -14.34 -21.02 -4.55
C GLY A 74 -14.02 -20.00 -5.62
N THR A 75 -13.89 -18.73 -5.24
CA THR A 75 -13.56 -17.69 -6.20
C THR A 75 -12.16 -17.89 -6.78
N ALA A 76 -11.18 -18.24 -5.92
CA ALA A 76 -9.81 -18.39 -6.39
C ALA A 76 -9.64 -19.51 -7.41
N THR A 77 -10.41 -20.60 -7.28
CA THR A 77 -10.28 -21.69 -8.25
C THR A 77 -11.06 -21.39 -9.53
N SER A 78 -12.05 -20.51 -9.48
CA SER A 78 -13.04 -20.39 -10.53
C SER A 78 -13.10 -19.05 -11.25
N VAL A 79 -12.43 -18.02 -10.76
CA VAL A 79 -12.57 -16.66 -11.28
C VAL A 79 -11.23 -16.13 -11.76
N THR A 80 -11.17 -15.74 -13.02
CA THR A 80 -9.96 -15.15 -13.59
C THR A 80 -10.03 -13.63 -13.70
N GLY A 81 -11.16 -13.02 -13.36
CA GLY A 81 -11.30 -11.58 -13.45
C GLY A 81 -11.94 -11.08 -14.73
N ASP A 82 -12.33 -11.95 -15.64
CA ASP A 82 -13.03 -11.54 -16.85
C ASP A 82 -14.42 -11.02 -16.51
N VAL A 83 -14.93 -10.11 -17.34
CA VAL A 83 -16.19 -9.43 -17.04
C VAL A 83 -17.34 -10.43 -16.99
N GLY A 84 -17.28 -11.49 -17.79
CA GLY A 84 -18.33 -12.50 -17.77
C GLY A 84 -18.38 -13.30 -16.50
N ASP A 85 -17.30 -13.27 -15.70
CA ASP A 85 -17.24 -14.07 -14.49
C ASP A 85 -18.38 -13.75 -13.52
N LEU A 86 -18.93 -12.53 -13.59
CA LEU A 86 -20.01 -12.16 -12.68
C LEU A 86 -21.28 -12.98 -12.94
N GLU A 87 -21.35 -13.69 -14.06
CA GLU A 87 -22.56 -14.40 -14.44
C GLU A 87 -22.75 -15.71 -13.69
N PHE A 88 -21.70 -16.22 -13.05
CA PHE A 88 -21.77 -17.51 -12.36
C PHE A 88 -21.13 -17.51 -10.99
N CYS A 89 -20.19 -16.60 -10.70
CA CYS A 89 -19.53 -16.55 -9.41
C CYS A 89 -20.48 -16.05 -8.33
N ASN B 6 -27.26 8.20 -0.94
CA ASN B 6 -26.61 7.23 -0.06
C ASN B 6 -25.17 6.96 -0.47
N LEU B 7 -24.80 7.36 -1.69
CA LEU B 7 -23.47 7.09 -2.22
C LEU B 7 -22.60 8.35 -2.27
N THR B 8 -22.90 9.35 -1.44
CA THR B 8 -22.12 10.58 -1.45
C THR B 8 -20.65 10.33 -1.11
N HIS B 9 -20.38 9.34 -0.25
CA HIS B 9 -19.01 9.06 0.15
C HIS B 9 -18.17 8.52 -0.99
N CYS B 10 -18.77 8.13 -2.11
CA CYS B 10 -18.03 7.48 -3.18
C CYS B 10 -17.36 8.44 -4.14
N ARG B 11 -17.76 9.71 -4.18
CA ARG B 11 -17.20 10.68 -5.12
C ARG B 11 -17.28 10.13 -6.54
N LEU B 12 -18.46 9.62 -6.90
CA LEU B 12 -18.60 8.92 -8.18
C LEU B 12 -18.51 9.89 -9.35
N PHE B 13 -18.95 11.13 -9.19
CA PHE B 13 -18.82 12.08 -10.28
C PHE B 13 -17.36 12.50 -10.47
N GLU B 14 -16.62 12.65 -9.38
CA GLU B 14 -15.19 12.95 -9.50
C GLU B 14 -14.45 11.84 -10.21
N PHE B 15 -14.79 10.58 -9.89
CA PHE B 15 -14.20 9.45 -10.59
C PHE B 15 -14.53 9.48 -12.07
N ARG B 16 -15.77 9.83 -12.42
CA ARG B 16 -16.15 9.86 -13.82
C ARG B 16 -15.36 10.90 -14.60
N LEU B 17 -15.23 12.12 -14.04
CA LEU B 17 -14.44 13.15 -14.69
C LEU B 17 -13.01 12.67 -14.94
N CYS B 18 -12.38 12.08 -13.91
CA CYS B 18 -11.03 11.57 -14.06
C CYS B 18 -10.96 10.52 -15.16
N LEU B 19 -11.93 9.60 -15.19
CA LEU B 19 -11.91 8.53 -16.17
C LEU B 19 -12.06 9.06 -17.59
N LEU B 20 -12.95 10.05 -17.78
CA LEU B 20 -13.15 10.60 -19.11
C LEU B 20 -11.90 11.34 -19.58
N GLU B 21 -11.28 12.15 -18.71
CA GLU B 21 -10.06 12.85 -19.12
C GLU B 21 -8.92 11.87 -19.36
N CYS B 22 -8.82 10.84 -18.52
CA CYS B 22 -7.77 9.84 -18.70
C CYS B 22 -7.93 9.10 -20.03
N MET B 23 -9.16 8.72 -20.37
CA MET B 23 -9.40 8.02 -21.63
C MET B 23 -9.19 8.95 -22.82
N SER B 24 -9.57 10.22 -22.69
CA SER B 24 -9.40 11.16 -23.79
C SER B 24 -7.93 11.32 -24.15
N LEU B 25 -7.03 11.11 -23.20
CA LEU B 25 -5.60 11.06 -23.46
C LEU B 25 -5.13 9.68 -23.91
N THR B 26 -6.05 8.73 -24.06
CA THR B 26 -5.73 7.38 -24.51
C THR B 26 -4.68 6.74 -23.62
N LEU B 27 -4.81 6.92 -22.32
CA LEU B 27 -3.87 6.34 -21.38
C LEU B 27 -4.27 4.91 -21.05
N ASP B 28 -3.33 4.16 -20.50
CA ASP B 28 -3.58 2.78 -20.13
C ASP B 28 -4.12 2.72 -18.70
N HIS B 29 -4.99 1.74 -18.46
CA HIS B 29 -5.43 1.39 -17.12
C HIS B 29 -6.09 2.57 -16.40
N CYS B 30 -6.99 3.25 -17.10
CA CYS B 30 -7.60 4.45 -16.53
C CYS B 30 -8.47 4.12 -15.32
N TYR B 31 -9.22 3.02 -15.39
CA TYR B 31 -10.02 2.62 -14.23
C TYR B 31 -9.15 2.50 -12.98
N ALA B 32 -8.01 1.80 -13.11
CA ALA B 32 -7.10 1.64 -11.98
C ALA B 32 -6.50 2.96 -11.53
N ARG B 33 -5.95 3.72 -12.48
CA ARG B 33 -5.25 4.96 -12.13
C ARG B 33 -6.21 5.97 -11.50
N CYS B 34 -7.43 6.07 -12.01
CA CYS B 34 -8.38 7.05 -11.46
C CYS B 34 -8.89 6.60 -10.10
N THR B 35 -9.00 5.29 -9.87
CA THR B 35 -9.29 4.81 -8.51
C THR B 35 -8.20 5.26 -7.54
N THR B 36 -6.93 5.15 -7.96
CA THR B 36 -5.83 5.57 -7.10
C THR B 36 -5.90 7.05 -6.78
N VAL B 37 -6.15 7.90 -7.77
CA VAL B 37 -6.19 9.34 -7.48
C VAL B 37 -7.39 9.67 -6.59
N ILE B 38 -8.55 9.08 -6.87
CA ILE B 38 -9.72 9.35 -6.03
C ILE B 38 -9.44 8.92 -4.59
N THR B 39 -8.80 7.77 -4.43
CA THR B 39 -8.43 7.32 -3.09
C THR B 39 -7.51 8.32 -2.41
N GLN B 40 -6.49 8.80 -3.13
CA GLN B 40 -5.48 9.67 -2.54
C GLN B 40 -6.04 11.05 -2.24
N ILE B 41 -7.04 11.50 -2.99
CA ILE B 41 -7.61 12.82 -2.77
C ILE B 41 -8.70 12.79 -1.71
N HIS B 42 -9.57 11.78 -1.76
CA HIS B 42 -10.81 11.79 -0.99
C HIS B 42 -10.86 10.75 0.12
N GLY B 43 -9.89 9.84 0.18
CA GLY B 43 -9.74 8.91 1.29
C GLY B 43 -10.38 7.56 1.06
N SER B 44 -10.29 6.73 2.12
CA SER B 44 -10.59 5.31 2.00
C SER B 44 -12.06 5.02 1.80
N ASP B 45 -12.95 5.91 2.23
CA ASP B 45 -14.39 5.66 2.08
C ASP B 45 -14.80 5.51 0.63
N THR B 46 -14.03 6.05 -0.32
CA THR B 46 -14.41 5.90 -1.72
C THR B 46 -14.20 4.48 -2.23
N ASN B 47 -13.65 3.59 -1.42
CA ASN B 47 -13.42 2.20 -1.82
C ASN B 47 -14.38 1.23 -1.12
N ARG B 48 -15.48 1.75 -0.57
CA ARG B 48 -16.46 0.86 0.04
C ARG B 48 -17.08 -0.05 -1.01
N PHE B 49 -17.64 -1.17 -0.55
CA PHE B 49 -18.18 -2.15 -1.47
C PHE B 49 -19.36 -1.58 -2.27
N ASP B 50 -20.15 -0.68 -1.66
CA ASP B 50 -21.25 -0.09 -2.41
C ASP B 50 -20.73 0.82 -3.51
N CYS B 51 -19.66 1.57 -3.25
CA CYS B 51 -19.00 2.31 -4.33
C CYS B 51 -18.53 1.35 -5.43
N THR B 52 -17.96 0.23 -5.01
CA THR B 52 -17.45 -0.76 -5.96
C THR B 52 -18.58 -1.35 -6.81
N ILE B 53 -19.77 -1.53 -6.22
CA ILE B 53 -20.90 -2.06 -6.97
C ILE B 53 -21.30 -1.09 -8.08
N PHE B 54 -21.44 0.20 -7.73
CA PHE B 54 -21.79 1.21 -8.71
C PHE B 54 -20.75 1.25 -9.83
N LYS B 55 -19.46 1.32 -9.46
CA LYS B 55 -18.41 1.39 -10.46
C LYS B 55 -18.40 0.15 -11.35
N THR B 56 -18.67 -1.02 -10.78
CA THR B 56 -18.66 -2.24 -11.58
C THR B 56 -19.82 -2.27 -12.56
N CYS B 57 -21.01 -1.90 -12.11
CA CYS B 57 -22.15 -1.79 -13.02
C CYS B 57 -21.84 -0.83 -14.15
N TYR B 58 -21.32 0.35 -13.82
CA TYR B 58 -21.02 1.37 -14.82
C TYR B 58 -19.97 0.89 -15.80
N TYR B 59 -18.82 0.41 -15.30
CA TYR B 59 -17.73 0.07 -16.21
C TYR B 59 -18.00 -1.22 -16.98
N ARG B 60 -18.72 -2.18 -16.39
CA ARG B 60 -19.11 -3.36 -17.15
C ARG B 60 -19.97 -2.97 -18.33
N CYS B 61 -20.99 -2.14 -18.09
CA CYS B 61 -21.83 -1.66 -19.17
C CYS B 61 -21.00 -1.07 -20.30
N TYR B 62 -19.99 -0.25 -19.96
CA TYR B 62 -19.16 0.35 -21.00
C TYR B 62 -18.28 -0.69 -21.69
N VAL B 63 -17.61 -1.52 -20.91
CA VAL B 63 -16.69 -2.50 -21.47
C VAL B 63 -17.40 -3.43 -22.44
N LEU B 64 -18.67 -3.71 -22.20
CA LEU B 64 -19.44 -4.61 -23.05
C LEU B 64 -20.01 -3.92 -24.28
N GLY B 65 -19.47 -2.77 -24.65
CA GLY B 65 -19.85 -2.09 -25.87
C GLY B 65 -20.70 -0.83 -25.79
N LYS B 66 -21.68 -0.75 -24.89
CA LYS B 66 -22.54 0.43 -24.89
C LYS B 66 -21.74 1.70 -24.61
N THR B 67 -22.41 2.85 -24.64
CA THR B 67 -21.76 4.15 -24.61
C THR B 67 -21.54 4.62 -23.17
N GLU B 68 -20.45 5.38 -22.98
CA GLU B 68 -20.12 5.84 -21.63
C GLU B 68 -21.30 6.61 -21.03
N ASP B 69 -21.92 7.49 -21.82
CA ASP B 69 -23.00 8.31 -21.27
C ASP B 69 -24.23 7.47 -20.98
N HIS B 70 -24.60 6.55 -21.89
CA HIS B 70 -25.74 5.68 -21.63
C HIS B 70 -25.49 4.82 -20.40
N CYS B 71 -24.23 4.44 -20.17
CA CYS B 71 -23.91 3.60 -19.01
C CYS B 71 -23.97 4.41 -17.72
N TRP B 72 -23.45 5.64 -17.73
CA TRP B 72 -23.46 6.45 -16.52
C TRP B 72 -24.89 6.79 -16.08
N LYS B 73 -25.70 7.36 -16.99
CA LYS B 73 -27.05 7.74 -16.59
C LYS B 73 -27.84 6.51 -16.12
N GLY B 74 -27.71 5.41 -16.85
CA GLY B 74 -28.46 4.21 -16.47
C GLY B 74 -28.07 3.71 -15.09
N THR B 75 -26.77 3.67 -14.82
CA THR B 75 -26.32 3.25 -13.49
C THR B 75 -26.75 4.23 -12.42
N ALA B 76 -26.58 5.54 -12.68
CA ALA B 76 -26.91 6.55 -11.68
C ALA B 76 -28.40 6.56 -11.34
N THR B 77 -29.26 6.24 -12.30
CA THR B 77 -30.70 6.30 -12.06
C THR B 77 -31.22 5.05 -11.33
N SER B 78 -30.54 3.91 -11.48
CA SER B 78 -31.10 2.63 -11.08
C SER B 78 -30.31 1.87 -10.03
N VAL B 79 -29.09 2.28 -9.70
CA VAL B 79 -28.19 1.50 -8.86
C VAL B 79 -27.91 2.27 -7.58
N THR B 80 -28.21 1.64 -6.43
CA THR B 80 -27.98 2.24 -5.13
C THR B 80 -26.73 1.69 -4.44
N GLY B 81 -26.05 0.73 -5.05
CA GLY B 81 -24.89 0.12 -4.45
C GLY B 81 -25.17 -1.15 -3.69
N ASP B 82 -26.42 -1.59 -3.64
CA ASP B 82 -26.75 -2.86 -3.00
C ASP B 82 -26.18 -4.02 -3.83
N VAL B 83 -25.84 -5.10 -3.15
CA VAL B 83 -25.19 -6.22 -3.83
C VAL B 83 -26.11 -6.82 -4.87
N GLY B 84 -27.43 -6.79 -4.64
CA GLY B 84 -28.36 -7.34 -5.61
C GLY B 84 -28.44 -6.55 -6.90
N ASP B 85 -27.99 -5.30 -6.90
CA ASP B 85 -28.05 -4.49 -8.10
C ASP B 85 -27.30 -5.12 -9.26
N LEU B 86 -26.33 -5.99 -8.99
CA LEU B 86 -25.52 -6.57 -10.05
C LEU B 86 -26.30 -7.47 -10.99
N GLU B 87 -27.54 -7.82 -10.64
CA GLU B 87 -28.30 -8.77 -11.45
C GLU B 87 -29.19 -8.11 -12.49
N PHE B 88 -29.31 -6.77 -12.48
CA PHE B 88 -30.02 -6.06 -13.53
C PHE B 88 -29.22 -4.94 -14.18
N CYS B 89 -28.22 -4.38 -13.50
CA CYS B 89 -27.44 -3.26 -14.03
C CYS B 89 -26.58 -3.71 -15.22
N ASP C 5 -6.41 -38.32 13.74
CA ASP C 5 -5.12 -38.08 14.37
C ASP C 5 -5.26 -37.01 15.45
N ASN C 6 -4.20 -36.84 16.26
CA ASN C 6 -4.31 -36.07 17.49
C ASN C 6 -4.27 -34.55 17.27
N LEU C 7 -3.64 -34.09 16.19
CA LEU C 7 -3.49 -32.66 15.96
C LEU C 7 -4.39 -32.14 14.85
N THR C 8 -5.47 -32.86 14.55
CA THR C 8 -6.37 -32.43 13.48
C THR C 8 -6.95 -31.05 13.76
N HIS C 9 -7.19 -30.72 15.04
CA HIS C 9 -7.76 -29.43 15.40
C HIS C 9 -6.82 -28.27 15.13
N CYS C 10 -5.54 -28.52 14.85
CA CYS C 10 -4.58 -27.43 14.70
C CYS C 10 -4.56 -26.83 13.30
N ARG C 11 -5.10 -27.54 12.30
CA ARG C 11 -5.11 -27.06 10.93
C ARG C 11 -3.70 -26.66 10.49
N LEU C 12 -2.74 -27.55 10.78
CA LEU C 12 -1.34 -27.23 10.54
C LEU C 12 -1.02 -27.21 9.05
N PHE C 13 -1.63 -28.11 8.27
CA PHE C 13 -1.49 -28.07 6.83
C PHE C 13 -1.87 -26.69 6.29
N GLU C 14 -3.01 -26.18 6.75
CA GLU C 14 -3.50 -24.89 6.28
C GLU C 14 -2.63 -23.75 6.77
N PHE C 15 -2.00 -23.91 7.95
CA PHE C 15 -1.08 -22.88 8.42
C PHE C 15 0.18 -22.87 7.56
N ARG C 16 0.68 -24.05 7.20
CA ARG C 16 1.90 -24.13 6.39
C ARG C 16 1.68 -23.48 5.03
N LEU C 17 0.55 -23.79 4.38
CA LEU C 17 0.25 -23.15 3.10
C LEU C 17 0.27 -21.63 3.22
N CYS C 18 -0.38 -21.10 4.26
CA CYS C 18 -0.34 -19.66 4.47
C CYS C 18 1.09 -19.17 4.62
N LEU C 19 1.89 -19.88 5.41
CA LEU C 19 3.26 -19.42 5.67
C LEU C 19 4.10 -19.44 4.41
N LEU C 20 3.99 -20.49 3.61
CA LEU C 20 4.79 -20.58 2.39
C LEU C 20 4.42 -19.48 1.41
N GLU C 21 3.11 -19.28 1.19
CA GLU C 21 2.70 -18.25 0.23
C GLU C 21 3.08 -16.87 0.74
N CYS C 22 2.93 -16.63 2.04
CA CYS C 22 3.31 -15.34 2.61
C CYS C 22 4.81 -15.10 2.44
N MET C 23 5.63 -16.12 2.70
CA MET C 23 7.08 -15.96 2.59
C MET C 23 7.51 -15.78 1.14
N SER C 24 6.85 -16.49 0.21
CA SER C 24 7.18 -16.33 -1.21
C SER C 24 6.92 -14.91 -1.69
N LEU C 25 5.95 -14.22 -1.07
CA LEU C 25 5.68 -12.82 -1.38
C LEU C 25 6.59 -11.86 -0.63
N THR C 26 7.53 -12.38 0.16
CA THR C 26 8.49 -11.54 0.90
C THR C 26 7.78 -10.56 1.83
N LEU C 27 6.74 -11.04 2.49
CA LEU C 27 6.01 -10.20 3.43
C LEU C 27 6.66 -10.28 4.81
N ASP C 28 6.36 -9.31 5.65
CA ASP C 28 6.88 -9.25 7.00
C ASP C 28 5.95 -9.98 7.96
N HIS C 29 6.55 -10.61 8.99
CA HIS C 29 5.80 -11.16 10.11
C HIS C 29 4.81 -12.21 9.64
N CYS C 30 5.27 -13.11 8.77
CA CYS C 30 4.38 -14.11 8.19
C CYS C 30 3.88 -15.08 9.26
N TYR C 31 4.74 -15.47 10.19
CA TYR C 31 4.32 -16.35 11.27
C TYR C 31 3.14 -15.76 12.03
N ALA C 32 3.28 -14.50 12.45
CA ALA C 32 2.20 -13.86 13.21
C ALA C 32 0.94 -13.70 12.37
N ARG C 33 1.07 -13.15 11.17
CA ARG C 33 -0.10 -12.88 10.34
C ARG C 33 -0.84 -14.16 10.00
N CYS C 34 -0.12 -15.24 9.71
CA CYS C 34 -0.78 -16.48 9.34
C CYS C 34 -1.46 -17.13 10.54
N THR C 35 -0.90 -16.96 11.74
CA THR C 35 -1.60 -17.42 12.95
C THR C 35 -2.95 -16.72 13.10
N THR C 36 -2.99 -15.40 12.88
CA THR C 36 -4.24 -14.65 12.97
C THR C 36 -5.22 -15.15 11.91
N VAL C 37 -4.74 -15.42 10.70
CA VAL C 37 -5.61 -15.88 9.63
C VAL C 37 -6.24 -17.21 9.99
N ILE C 38 -5.45 -18.15 10.50
CA ILE C 38 -5.97 -19.45 10.88
C ILE C 38 -6.96 -19.32 12.03
N THR C 39 -6.65 -18.47 13.01
CA THR C 39 -7.58 -18.25 14.12
C THR C 39 -8.92 -17.76 13.61
N GLN C 40 -8.90 -16.77 12.71
CA GLN C 40 -10.15 -16.19 12.21
C GLN C 40 -10.93 -17.22 11.39
N ILE C 41 -10.26 -18.04 10.59
CA ILE C 41 -10.94 -18.98 9.72
C ILE C 41 -11.45 -20.18 10.51
N HIS C 42 -10.61 -20.75 11.38
CA HIS C 42 -10.87 -22.05 11.99
C HIS C 42 -11.11 -22.01 13.50
N GLY C 43 -10.89 -20.88 14.16
CA GLY C 43 -11.27 -20.71 15.55
C GLY C 43 -10.17 -21.00 16.55
N SER C 44 -10.58 -20.96 17.83
CA SER C 44 -9.61 -20.93 18.93
C SER C 44 -8.90 -22.26 19.14
N ASP C 45 -9.48 -23.38 18.71
CA ASP C 45 -8.82 -24.66 18.93
C ASP C 45 -7.46 -24.71 18.24
N THR C 46 -7.27 -23.93 17.17
CA THR C 46 -5.98 -23.93 16.48
C THR C 46 -4.89 -23.24 17.30
N ASN C 47 -5.24 -22.67 18.46
CA ASN C 47 -4.28 -22.04 19.35
C ASN C 47 -4.05 -22.84 20.63
N ARG C 48 -4.40 -24.13 20.63
CA ARG C 48 -4.11 -24.97 21.78
C ARG C 48 -2.61 -25.12 21.94
N PHE C 49 -2.19 -25.46 23.17
CA PHE C 49 -0.76 -25.54 23.45
C PHE C 49 -0.08 -26.65 22.64
N ASP C 50 -0.79 -27.74 22.33
CA ASP C 50 -0.18 -28.79 21.53
C ASP C 50 0.08 -28.31 20.11
N CYS C 51 -0.85 -27.52 19.53
CA CYS C 51 -0.55 -26.85 18.27
C CYS C 51 0.67 -25.95 18.41
N THR C 52 0.75 -25.23 19.53
CA THR C 52 1.88 -24.32 19.74
C THR C 52 3.20 -25.09 19.78
N ILE C 53 3.18 -26.31 20.34
CA ILE C 53 4.41 -27.11 20.41
C ILE C 53 4.90 -27.48 19.03
N PHE C 54 4.00 -27.99 18.19
CA PHE C 54 4.37 -28.33 16.82
C PHE C 54 4.90 -27.11 16.06
N LYS C 55 4.16 -26.01 16.10
CA LYS C 55 4.56 -24.81 15.36
C LYS C 55 5.90 -24.28 15.84
N THR C 56 6.14 -24.33 17.15
CA THR C 56 7.40 -23.81 17.69
C THR C 56 8.58 -24.67 17.26
N CYS C 57 8.42 -26.00 17.33
CA CYS C 57 9.43 -26.90 16.82
C CYS C 57 9.69 -26.66 15.34
N TYR C 58 8.62 -26.56 14.56
CA TYR C 58 8.74 -26.36 13.12
C TYR C 58 9.44 -25.05 12.79
N TYR C 59 8.95 -23.94 13.34
CA TYR C 59 9.49 -22.65 12.97
C TYR C 59 10.87 -22.39 13.57
N ARG C 60 11.15 -22.97 14.74
CA ARG C 60 12.49 -22.86 15.30
C ARG C 60 13.52 -23.43 14.32
N CYS C 61 13.24 -24.64 13.81
CA CYS C 61 14.10 -25.23 12.80
C CYS C 61 14.32 -24.29 11.61
N TYR C 62 13.25 -23.65 11.13
CA TYR C 62 13.40 -22.76 9.99
C TYR C 62 14.27 -21.55 10.35
N VAL C 63 14.00 -20.94 11.49
CA VAL C 63 14.73 -19.74 11.90
C VAL C 63 16.22 -20.02 12.01
N LEU C 64 16.60 -21.25 12.32
CA LEU C 64 18.00 -21.59 12.51
C LEU C 64 18.74 -21.79 11.20
N GLY C 65 18.16 -21.33 10.09
CA GLY C 65 18.87 -21.33 8.84
C GLY C 65 18.71 -22.58 8.02
N LYS C 66 17.58 -23.27 8.15
CA LYS C 66 17.38 -24.56 7.49
C LYS C 66 16.18 -24.46 6.56
N THR C 67 16.14 -25.37 5.59
CA THR C 67 15.10 -25.33 4.59
C THR C 67 13.73 -25.53 5.23
N GLU C 68 12.74 -24.82 4.70
CA GLU C 68 11.38 -24.96 5.22
C GLU C 68 10.91 -26.40 5.12
N ASP C 69 11.18 -27.05 3.99
CA ASP C 69 10.66 -28.40 3.76
C ASP C 69 11.32 -29.42 4.69
N HIS C 70 12.64 -29.33 4.86
CA HIS C 70 13.32 -30.20 5.83
C HIS C 70 12.68 -30.08 7.21
N CYS C 71 12.42 -28.85 7.64
CA CYS C 71 11.87 -28.63 8.98
C CYS C 71 10.48 -29.20 9.11
N TRP C 72 9.63 -29.00 8.11
CA TRP C 72 8.27 -29.52 8.18
C TRP C 72 8.27 -31.05 8.25
N LYS C 73 9.00 -31.69 7.33
CA LYS C 73 9.01 -33.15 7.28
C LYS C 73 9.53 -33.77 8.57
N GLY C 74 10.62 -33.22 9.11
CA GLY C 74 11.16 -33.76 10.35
C GLY C 74 10.21 -33.58 11.51
N THR C 75 9.64 -32.37 11.62
CA THR C 75 8.69 -32.10 12.71
C THR C 75 7.43 -32.95 12.56
N ALA C 76 6.90 -33.05 11.33
CA ALA C 76 5.68 -33.81 11.13
C ALA C 76 5.85 -35.27 11.49
N THR C 77 7.05 -35.83 11.30
CA THR C 77 7.26 -37.25 11.58
C THR C 77 7.50 -37.54 13.05
N SER C 78 8.01 -36.56 13.82
CA SER C 78 8.50 -36.84 15.16
C SER C 78 7.80 -36.08 16.28
N VAL C 79 6.95 -35.11 15.98
CA VAL C 79 6.37 -34.23 16.99
C VAL C 79 4.86 -34.42 17.01
N THR C 80 4.33 -34.83 18.16
CA THR C 80 2.89 -35.03 18.36
C THR C 80 2.24 -33.91 19.14
N GLY C 81 3.01 -32.91 19.58
CA GLY C 81 2.46 -31.83 20.37
C GLY C 81 2.57 -32.03 21.86
N ASP C 82 3.14 -33.15 22.30
CA ASP C 82 3.38 -33.38 23.71
C ASP C 82 4.47 -32.43 24.22
N VAL C 83 4.35 -32.05 25.49
CA VAL C 83 5.28 -31.07 26.05
C VAL C 83 6.69 -31.62 26.04
N GLY C 84 6.85 -32.94 26.14
CA GLY C 84 8.17 -33.54 26.07
C GLY C 84 8.81 -33.45 24.71
N ASP C 85 8.03 -33.21 23.66
CA ASP C 85 8.61 -33.10 22.32
C ASP C 85 9.63 -31.97 22.25
N LEU C 86 9.52 -30.97 23.13
CA LEU C 86 10.46 -29.85 23.11
C LEU C 86 11.85 -30.26 23.53
N GLU C 87 12.02 -31.43 24.15
CA GLU C 87 13.34 -31.85 24.59
C GLU C 87 14.24 -32.23 23.42
N PHE C 88 13.66 -32.57 22.26
CA PHE C 88 14.49 -33.02 21.14
C PHE C 88 14.23 -32.23 19.86
N CYS C 89 13.01 -31.74 19.68
CA CYS C 89 12.62 -31.17 18.39
C CYS C 89 13.49 -29.98 17.98
N ASP D 5 11.60 -2.36 27.18
CA ASP D 5 11.33 -3.78 27.05
C ASP D 5 11.16 -4.17 25.59
N ASN D 6 11.62 -5.37 25.24
CA ASN D 6 11.61 -5.84 23.86
C ASN D 6 10.30 -6.51 23.46
N LEU D 7 9.48 -6.91 24.44
CA LEU D 7 8.30 -7.72 24.20
C LEU D 7 7.00 -7.00 24.50
N THR D 8 7.01 -5.66 24.50
CA THR D 8 5.81 -4.91 24.83
C THR D 8 4.67 -5.21 23.86
N HIS D 9 5.00 -5.49 22.59
CA HIS D 9 3.98 -5.78 21.58
C HIS D 9 3.23 -7.07 21.84
N CYS D 10 3.70 -7.89 22.79
CA CYS D 10 3.08 -9.20 23.03
C CYS D 10 1.87 -9.11 23.96
N ARG D 11 1.71 -8.02 24.69
CA ARG D 11 0.60 -7.86 25.65
C ARG D 11 0.57 -9.02 26.64
N LEU D 12 1.74 -9.30 27.22
CA LEU D 12 1.87 -10.47 28.09
C LEU D 12 1.13 -10.28 29.41
N PHE D 13 1.12 -9.05 29.94
CA PHE D 13 0.37 -8.80 31.17
C PHE D 13 -1.10 -9.08 30.97
N GLU D 14 -1.69 -8.56 29.89
CA GLU D 14 -3.09 -8.81 29.63
C GLU D 14 -3.36 -10.28 29.34
N PHE D 15 -2.41 -10.98 28.71
CA PHE D 15 -2.59 -12.40 28.48
C PHE D 15 -2.65 -13.16 29.81
N ARG D 16 -1.78 -12.81 30.75
CA ARG D 16 -1.80 -13.47 32.05
C ARG D 16 -3.11 -13.19 32.78
N LEU D 17 -3.57 -11.94 32.76
CA LEU D 17 -4.86 -11.63 33.39
C LEU D 17 -5.94 -12.56 32.85
N CYS D 18 -6.03 -12.67 31.52
CA CYS D 18 -7.01 -13.56 30.93
C CYS D 18 -6.80 -15.00 31.41
N LEU D 19 -5.55 -15.47 31.40
CA LEU D 19 -5.28 -16.85 31.75
C LEU D 19 -5.61 -17.13 33.22
N LEU D 20 -5.24 -16.22 34.12
CA LEU D 20 -5.53 -16.44 35.53
C LEU D 20 -7.03 -16.43 35.79
N GLU D 21 -7.77 -15.51 35.16
CA GLU D 21 -9.22 -15.52 35.32
C GLU D 21 -9.81 -16.78 34.70
N CYS D 22 -9.27 -17.22 33.56
CA CYS D 22 -9.76 -18.45 32.94
C CYS D 22 -9.56 -19.65 33.84
N MET D 23 -8.39 -19.73 34.49
CA MET D 23 -8.13 -20.86 35.39
C MET D 23 -8.99 -20.78 36.64
N SER D 24 -9.16 -19.58 37.21
CA SER D 24 -9.97 -19.45 38.41
C SER D 24 -11.42 -19.88 38.16
N LEU D 25 -11.88 -19.76 36.91
CA LEU D 25 -13.20 -20.24 36.51
C LEU D 25 -13.18 -21.72 36.13
N THR D 26 -12.03 -22.38 36.19
CA THR D 26 -11.92 -23.81 35.91
C THR D 26 -12.45 -24.12 34.51
N LEU D 27 -12.09 -23.28 33.55
CA LEU D 27 -12.50 -23.49 32.18
C LEU D 27 -11.49 -24.40 31.45
N ASP D 28 -11.93 -24.96 30.34
CA ASP D 28 -11.09 -25.83 29.53
C ASP D 28 -10.32 -25.03 28.49
N HIS D 29 -9.11 -25.49 28.19
CA HIS D 29 -8.32 -24.99 27.06
C HIS D 29 -8.03 -23.49 27.21
N CYS D 30 -7.58 -23.11 28.40
CA CYS D 30 -7.39 -21.70 28.70
C CYS D 30 -6.30 -21.07 27.83
N TYR D 31 -5.22 -21.79 27.56
CA TYR D 31 -4.17 -21.26 26.70
C TYR D 31 -4.74 -20.80 25.36
N ALA D 32 -5.52 -21.67 24.71
CA ALA D 32 -6.12 -21.33 23.42
C ALA D 32 -7.08 -20.15 23.56
N ARG D 33 -7.95 -20.19 24.56
CA ARG D 33 -8.97 -19.16 24.70
C ARG D 33 -8.34 -17.79 24.86
N CYS D 34 -7.29 -17.69 25.67
CA CYS D 34 -6.68 -16.40 25.94
C CYS D 34 -5.81 -15.93 24.78
N THR D 35 -5.15 -16.85 24.07
CA THR D 35 -4.45 -16.45 22.85
C THR D 35 -5.43 -15.88 21.85
N THR D 36 -6.59 -16.53 21.68
CA THR D 36 -7.56 -16.06 20.70
C THR D 36 -8.11 -14.68 21.04
N VAL D 37 -8.50 -14.46 22.31
CA VAL D 37 -9.07 -13.17 22.66
C VAL D 37 -8.02 -12.07 22.55
N ILE D 38 -6.79 -12.35 22.99
CA ILE D 38 -5.75 -11.33 22.91
C ILE D 38 -5.52 -10.92 21.45
N THR D 39 -5.47 -11.89 20.54
CA THR D 39 -5.30 -11.56 19.12
C THR D 39 -6.46 -10.75 18.59
N GLN D 40 -7.68 -11.05 19.05
CA GLN D 40 -8.86 -10.35 18.55
C GLN D 40 -8.95 -8.93 19.11
N ILE D 41 -8.22 -8.63 20.17
CA ILE D 41 -8.16 -7.27 20.69
C ILE D 41 -7.05 -6.47 20.02
N HIS D 42 -5.86 -7.06 19.91
CA HIS D 42 -4.67 -6.31 19.56
C HIS D 42 -4.08 -6.66 18.20
N GLY D 43 -4.52 -7.74 17.57
CA GLY D 43 -4.05 -8.03 16.23
C GLY D 43 -2.85 -8.96 16.19
N SER D 44 -2.24 -9.01 15.00
CA SER D 44 -1.24 -10.02 14.72
C SER D 44 0.04 -9.83 15.53
N ASP D 45 0.30 -8.62 16.04
CA ASP D 45 1.55 -8.41 16.76
C ASP D 45 1.70 -9.35 17.96
N THR D 46 0.58 -9.74 18.58
CA THR D 46 0.63 -10.64 19.73
C THR D 46 0.89 -12.08 19.34
N ASN D 47 0.95 -12.39 18.04
CA ASN D 47 1.23 -13.75 17.58
C ASN D 47 2.62 -13.88 16.97
N ARG D 48 3.50 -12.91 17.21
CA ARG D 48 4.86 -13.03 16.71
C ARG D 48 5.58 -14.18 17.41
N PHE D 49 6.62 -14.68 16.75
CA PHE D 49 7.33 -15.84 17.27
C PHE D 49 8.00 -15.54 18.60
N ASP D 50 8.46 -14.29 18.81
CA ASP D 50 9.07 -13.98 20.09
C ASP D 50 8.04 -14.04 21.21
N CYS D 51 6.82 -13.58 20.95
CA CYS D 51 5.74 -13.77 21.92
C CYS D 51 5.52 -15.25 22.20
N THR D 52 5.54 -16.07 21.15
CA THR D 52 5.33 -17.52 21.32
C THR D 52 6.44 -18.15 22.14
N ILE D 53 7.68 -17.66 21.99
CA ILE D 53 8.79 -18.23 22.77
C ILE D 53 8.54 -18.01 24.26
N PHE D 54 8.21 -16.78 24.64
CA PHE D 54 7.94 -16.47 26.04
C PHE D 54 6.79 -17.31 26.57
N LYS D 55 5.65 -17.29 25.87
CA LYS D 55 4.46 -18.01 26.35
C LYS D 55 4.72 -19.50 26.44
N THR D 56 5.51 -20.05 25.50
CA THR D 56 5.80 -21.48 25.50
C THR D 56 6.69 -21.87 26.67
N CYS D 57 7.73 -21.07 26.94
CA CYS D 57 8.56 -21.32 28.11
C CYS D 57 7.72 -21.28 29.39
N TYR D 58 6.91 -20.24 29.55
CA TYR D 58 6.11 -20.07 30.75
C TYR D 58 5.12 -21.22 30.92
N TYR D 59 4.34 -21.52 29.88
CA TYR D 59 3.30 -22.54 30.02
C TYR D 59 3.87 -23.94 30.09
N ARG D 60 5.02 -24.18 29.46
CA ARG D 60 5.70 -25.47 29.62
C ARG D 60 6.04 -25.71 31.08
N CYS D 61 6.67 -24.71 31.72
CA CYS D 61 6.97 -24.82 33.15
C CYS D 61 5.73 -25.16 33.96
N TYR D 62 4.60 -24.54 33.65
CA TYR D 62 3.37 -24.81 34.38
C TYR D 62 2.86 -26.22 34.14
N VAL D 63 2.84 -26.64 32.87
CA VAL D 63 2.32 -27.96 32.53
C VAL D 63 3.13 -29.05 33.24
N LEU D 64 4.40 -28.78 33.52
CA LEU D 64 5.27 -29.77 34.13
C LEU D 64 5.14 -29.81 35.65
N GLY D 65 4.08 -29.23 36.23
CA GLY D 65 3.82 -29.36 37.64
C GLY D 65 4.20 -28.17 38.51
N LYS D 66 5.00 -27.25 37.99
CA LYS D 66 5.47 -26.11 38.77
C LYS D 66 4.36 -25.06 38.86
N THR D 67 4.42 -24.23 39.90
CA THR D 67 3.35 -23.27 40.14
C THR D 67 3.35 -22.18 39.08
N GLU D 68 2.14 -21.70 38.74
CA GLU D 68 2.00 -20.68 37.72
C GLU D 68 2.78 -19.42 38.06
N ASP D 69 2.71 -18.96 39.31
CA ASP D 69 3.35 -17.71 39.66
C ASP D 69 4.87 -17.85 39.59
N HIS D 70 5.40 -19.00 40.01
CA HIS D 70 6.84 -19.24 39.86
C HIS D 70 7.25 -19.25 38.40
N CYS D 71 6.49 -19.97 37.57
CA CYS D 71 6.79 -20.02 36.14
C CYS D 71 6.76 -18.64 35.52
N TRP D 72 5.75 -17.84 35.84
CA TRP D 72 5.64 -16.50 35.26
C TRP D 72 6.82 -15.63 35.66
N LYS D 73 7.11 -15.56 36.97
CA LYS D 73 8.21 -14.72 37.42
C LYS D 73 9.52 -15.16 36.80
N GLY D 74 9.77 -16.47 36.76
CA GLY D 74 11.00 -16.96 36.16
C GLY D 74 11.10 -16.63 34.69
N THR D 75 10.03 -16.82 33.94
CA THR D 75 10.04 -16.50 32.51
C THR D 75 10.24 -15.00 32.30
N ALA D 76 9.53 -14.18 33.08
CA ALA D 76 9.69 -12.73 32.96
C ALA D 76 11.11 -12.31 33.27
N THR D 77 11.80 -13.07 34.13
CA THR D 77 13.16 -12.72 34.52
C THR D 77 14.20 -13.17 33.49
N SER D 78 13.93 -14.26 32.78
CA SER D 78 14.99 -14.95 32.06
C SER D 78 14.78 -15.09 30.56
N VAL D 79 13.60 -14.77 30.04
CA VAL D 79 13.26 -15.02 28.64
C VAL D 79 12.97 -13.69 27.95
N THR D 80 13.75 -13.39 26.91
CA THR D 80 13.58 -12.17 26.13
C THR D 80 12.89 -12.42 24.80
N GLY D 81 12.56 -13.67 24.48
CA GLY D 81 11.93 -14.03 23.23
C GLY D 81 12.87 -14.48 22.14
N ASP D 82 14.18 -14.52 22.40
CA ASP D 82 15.11 -15.03 21.42
C ASP D 82 14.92 -16.53 21.24
N VAL D 83 15.23 -17.01 20.03
CA VAL D 83 14.97 -18.41 19.72
C VAL D 83 15.82 -19.32 20.60
N GLY D 84 17.01 -18.87 21.00
CA GLY D 84 17.84 -19.68 21.87
C GLY D 84 17.29 -19.86 23.27
N ASP D 85 16.36 -19.01 23.69
CA ASP D 85 15.80 -19.12 25.03
C ASP D 85 15.11 -20.47 25.26
N LEU D 86 14.69 -21.15 24.18
CA LEU D 86 13.98 -22.41 24.34
C LEU D 86 14.87 -23.52 24.91
N GLU D 87 16.19 -23.35 24.84
CA GLU D 87 17.09 -24.40 25.34
C GLU D 87 16.93 -24.57 26.84
N PHE D 88 17.10 -23.49 27.60
CA PHE D 88 17.24 -23.57 29.04
C PHE D 88 16.10 -22.97 29.84
N CYS D 89 15.23 -22.17 29.21
CA CYS D 89 14.09 -21.60 29.91
C CYS D 89 13.24 -22.68 30.56
N ASP E 5 -5.74 23.92 -23.67
CA ASP E 5 -5.22 25.29 -23.66
C ASP E 5 -3.83 25.31 -24.27
N ASN E 6 -3.04 26.34 -23.95
CA ASN E 6 -1.68 26.42 -24.46
C ASN E 6 -0.69 25.59 -23.64
N LEU E 7 -1.16 24.79 -22.69
CA LEU E 7 -0.28 23.92 -21.91
C LEU E 7 -0.59 22.44 -22.14
N THR E 8 -1.26 22.08 -23.24
CA THR E 8 -1.55 20.67 -23.48
C THR E 8 -0.26 19.88 -23.64
N HIS E 9 0.80 20.51 -24.18
CA HIS E 9 2.07 19.83 -24.37
C HIS E 9 2.74 19.41 -23.07
N CYS E 10 2.25 19.89 -21.93
CA CYS E 10 2.90 19.62 -20.66
C CYS E 10 2.48 18.27 -20.06
N ARG E 11 1.37 17.70 -20.51
CA ARG E 11 0.86 16.44 -19.97
C ARG E 11 0.67 16.55 -18.46
N LEU E 12 0.03 17.63 -18.03
CA LEU E 12 -0.07 17.91 -16.61
C LEU E 12 -1.03 16.95 -15.91
N PHE E 13 -2.12 16.54 -16.59
CA PHE E 13 -3.01 15.56 -16.01
C PHE E 13 -2.27 14.26 -15.67
N GLU E 14 -1.58 13.69 -16.66
CA GLU E 14 -0.83 12.47 -16.44
C GLU E 14 0.29 12.67 -15.42
N PHE E 15 0.87 13.88 -15.38
CA PHE E 15 1.86 14.16 -14.35
C PHE E 15 1.24 14.12 -12.96
N ARG E 16 0.05 14.68 -12.81
CA ARG E 16 -0.62 14.64 -11.50
C ARG E 16 -0.94 13.20 -11.13
N LEU E 17 -1.38 12.39 -12.10
CA LEU E 17 -1.61 10.98 -11.85
C LEU E 17 -0.36 10.32 -11.27
N CYS E 18 0.80 10.55 -11.90
CA CYS E 18 2.03 9.99 -11.37
C CYS E 18 2.31 10.49 -9.96
N LEU E 19 2.15 11.79 -9.73
CA LEU E 19 2.50 12.37 -8.44
C LEU E 19 1.59 11.84 -7.33
N LEU E 20 0.29 11.72 -7.61
CA LEU E 20 -0.62 11.22 -6.59
C LEU E 20 -0.31 9.76 -6.26
N GLU E 21 -0.02 8.94 -7.28
CA GLU E 21 0.36 7.57 -6.98
C GLU E 21 1.68 7.53 -6.22
N CYS E 22 2.64 8.38 -6.61
CA CYS E 22 3.91 8.44 -5.91
C CYS E 22 3.71 8.85 -4.46
N MET E 23 2.87 9.85 -4.20
CA MET E 23 2.62 10.26 -2.82
C MET E 23 1.86 9.16 -2.08
N SER E 24 0.92 8.49 -2.75
CA SER E 24 0.16 7.42 -2.12
C SER E 24 1.05 6.27 -1.67
N LEU E 25 2.17 6.05 -2.36
CA LEU E 25 3.14 5.04 -1.98
C LEU E 25 4.16 5.52 -0.95
N THR E 26 4.07 6.77 -0.48
CA THR E 26 5.01 7.27 0.53
C THR E 26 6.45 7.21 0.01
N LEU E 27 6.62 7.56 -1.26
CA LEU E 27 7.95 7.58 -1.85
C LEU E 27 8.61 8.94 -1.68
N ASP E 28 9.94 8.92 -1.78
CA ASP E 28 10.75 10.14 -1.70
C ASP E 28 10.99 10.71 -3.08
N HIS E 29 11.09 12.03 -3.16
CA HIS E 29 11.50 12.74 -4.37
C HIS E 29 10.51 12.51 -5.51
N CYS E 30 9.21 12.63 -5.17
CA CYS E 30 8.17 12.35 -6.15
C CYS E 30 8.19 13.34 -7.30
N TYR E 31 8.47 14.62 -7.02
CA TYR E 31 8.59 15.61 -8.09
C TYR E 31 9.62 15.17 -9.12
N ALA E 32 10.81 14.75 -8.65
CA ALA E 32 11.85 14.29 -9.56
C ALA E 32 11.41 13.04 -10.30
N ARG E 33 10.86 12.05 -9.58
CA ARG E 33 10.51 10.78 -10.19
C ARG E 33 9.49 10.98 -11.31
N CYS E 34 8.46 11.78 -11.04
CA CYS E 34 7.38 11.95 -12.00
C CYS E 34 7.77 12.85 -13.16
N THR E 35 8.62 13.86 -12.92
CA THR E 35 9.16 14.63 -14.03
C THR E 35 9.96 13.74 -14.97
N THR E 36 10.81 12.87 -14.42
CA THR E 36 11.61 11.97 -15.25
C THR E 36 10.71 11.02 -16.03
N VAL E 37 9.70 10.45 -15.36
CA VAL E 37 8.82 9.51 -16.04
C VAL E 37 8.08 10.19 -17.18
N ILE E 38 7.59 11.41 -16.95
CA ILE E 38 6.83 12.11 -17.98
C ILE E 38 7.71 12.41 -19.19
N THR E 39 8.94 12.88 -18.96
CA THR E 39 9.82 13.17 -20.09
C THR E 39 10.09 11.92 -20.91
N GLN E 40 10.44 10.83 -20.24
CA GLN E 40 10.79 9.60 -20.94
C GLN E 40 9.61 9.03 -21.71
N ILE E 41 8.40 9.46 -21.40
CA ILE E 41 7.23 9.06 -22.19
C ILE E 41 6.99 10.02 -23.35
N HIS E 42 7.06 11.34 -23.08
CA HIS E 42 6.58 12.34 -24.01
C HIS E 42 7.64 13.26 -24.58
N GLY E 43 8.86 13.26 -24.06
CA GLY E 43 9.90 14.04 -24.69
C GLY E 43 10.06 15.43 -24.13
N SER E 44 10.82 16.24 -24.86
CA SER E 44 11.27 17.53 -24.35
C SER E 44 10.14 18.52 -24.14
N ASP E 45 9.00 18.34 -24.81
CA ASP E 45 7.92 19.32 -24.66
C ASP E 45 7.46 19.45 -23.21
N THR E 46 7.54 18.36 -22.43
CA THR E 46 7.08 18.43 -21.04
C THR E 46 8.04 19.16 -20.12
N ASN E 47 9.22 19.57 -20.61
CA ASN E 47 10.18 20.29 -19.80
C ASN E 47 10.29 21.76 -20.21
N ARG E 48 9.32 22.27 -20.96
CA ARG E 48 9.38 23.67 -21.34
C ARG E 48 9.23 24.54 -20.08
N PHE E 49 9.73 25.78 -20.19
CA PHE E 49 9.73 26.65 -19.03
C PHE E 49 8.30 26.96 -18.58
N ASP E 50 7.35 27.04 -19.51
CA ASP E 50 5.97 27.29 -19.11
C ASP E 50 5.41 26.12 -18.32
N CYS E 51 5.73 24.88 -18.72
CA CYS E 51 5.40 23.73 -17.88
C CYS E 51 6.05 23.86 -16.51
N THR E 52 7.33 24.28 -16.48
CA THR E 52 8.03 24.41 -15.20
C THR E 52 7.37 25.45 -14.32
N ILE E 53 6.85 26.53 -14.91
CA ILE E 53 6.18 27.56 -14.11
C ILE E 53 4.93 26.97 -13.47
N PHE E 54 4.11 26.27 -14.26
CA PHE E 54 2.90 25.67 -13.71
C PHE E 54 3.24 24.72 -12.57
N LYS E 55 4.17 23.79 -12.82
CA LYS E 55 4.50 22.78 -11.80
C LYS E 55 5.06 23.42 -10.55
N THR E 56 5.86 24.49 -10.70
CA THR E 56 6.44 25.14 -9.53
C THR E 56 5.37 25.87 -8.71
N CYS E 57 4.44 26.56 -9.38
CA CYS E 57 3.32 27.17 -8.68
C CYS E 57 2.55 26.14 -7.87
N TYR E 58 2.20 25.02 -8.52
CA TYR E 58 1.44 23.96 -7.89
C TYR E 58 2.22 23.33 -6.74
N TYR E 59 3.47 22.91 -6.99
CA TYR E 59 4.20 22.19 -5.96
C TYR E 59 4.68 23.10 -4.84
N ARG E 60 5.01 24.36 -5.13
CA ARG E 60 5.33 25.29 -4.05
C ARG E 60 4.12 25.45 -3.12
N CYS E 61 2.95 25.67 -3.71
CA CYS E 61 1.72 25.77 -2.92
C CYS E 61 1.58 24.58 -1.98
N TYR E 62 1.85 23.38 -2.48
CA TYR E 62 1.73 22.18 -1.65
C TYR E 62 2.81 22.16 -0.57
N VAL E 63 4.07 22.44 -0.95
CA VAL E 63 5.15 22.42 0.03
C VAL E 63 4.88 23.42 1.14
N LEU E 64 4.18 24.51 0.83
CA LEU E 64 3.90 25.57 1.79
C LEU E 64 2.63 25.32 2.63
N GLY E 65 2.16 24.07 2.67
CA GLY E 65 1.03 23.70 3.53
C GLY E 65 -0.31 23.43 2.91
N LYS E 66 -0.73 24.15 1.89
CA LYS E 66 -2.07 23.93 1.37
C LYS E 66 -2.18 22.52 0.80
N THR E 67 -3.39 21.98 0.85
CA THR E 67 -3.61 20.60 0.42
C THR E 67 -3.32 20.46 -1.07
N GLU E 68 -2.86 19.26 -1.45
CA GLU E 68 -2.51 19.02 -2.84
C GLU E 68 -3.69 19.33 -3.76
N ASP E 69 -4.90 18.94 -3.37
CA ASP E 69 -6.06 19.15 -4.24
C ASP E 69 -6.39 20.62 -4.39
N HIS E 70 -6.24 21.40 -3.31
CA HIS E 70 -6.42 22.85 -3.42
C HIS E 70 -5.39 23.45 -4.36
N CYS E 71 -4.13 23.09 -4.16
CA CYS E 71 -3.06 23.61 -5.00
C CYS E 71 -3.30 23.28 -6.46
N TRP E 72 -3.74 22.05 -6.76
CA TRP E 72 -3.98 21.69 -8.15
C TRP E 72 -5.13 22.51 -8.74
N LYS E 73 -6.28 22.54 -8.05
CA LYS E 73 -7.44 23.23 -8.58
C LYS E 73 -7.16 24.73 -8.76
N GLY E 74 -6.52 25.36 -7.77
CA GLY E 74 -6.23 26.78 -7.89
C GLY E 74 -5.24 27.09 -8.99
N THR E 75 -4.16 26.30 -9.08
CA THR E 75 -3.17 26.51 -10.12
C THR E 75 -3.77 26.30 -11.50
N ALA E 76 -4.57 25.25 -11.66
CA ALA E 76 -5.17 24.95 -12.95
C ALA E 76 -6.09 26.07 -13.43
N THR E 77 -6.72 26.80 -12.51
CA THR E 77 -7.66 27.84 -12.93
C THR E 77 -6.97 29.14 -13.33
N SER E 78 -5.82 29.45 -12.73
CA SER E 78 -5.26 30.78 -12.82
C SER E 78 -3.88 30.85 -13.46
N VAL E 79 -3.22 29.72 -13.71
CA VAL E 79 -1.84 29.71 -14.16
C VAL E 79 -1.79 29.10 -15.55
N THR E 80 -1.34 29.90 -16.52
CA THR E 80 -1.18 29.46 -17.90
C THR E 80 0.28 29.23 -18.26
N GLY E 81 1.20 29.43 -17.31
CA GLY E 81 2.61 29.26 -17.57
C GLY E 81 3.38 30.51 -17.89
N ASP E 82 2.72 31.68 -17.90
CA ASP E 82 3.48 32.91 -18.09
C ASP E 82 4.40 33.10 -16.89
N VAL E 83 5.56 33.70 -17.15
CA VAL E 83 6.56 33.82 -16.10
C VAL E 83 6.08 34.72 -14.97
N GLY E 84 5.20 35.68 -15.28
CA GLY E 84 4.66 36.54 -14.24
C GLY E 84 3.77 35.83 -13.24
N ASP E 85 3.30 34.62 -13.57
CA ASP E 85 2.41 33.89 -12.68
C ASP E 85 3.00 33.64 -11.30
N LEU E 86 4.34 33.67 -11.18
CA LEU E 86 4.98 33.42 -9.90
C LEU E 86 4.65 34.46 -8.85
N GLU E 87 4.06 35.59 -9.25
CA GLU E 87 3.83 36.71 -8.34
C GLU E 87 2.51 36.62 -7.59
N PHE E 88 1.56 35.81 -8.09
CA PHE E 88 0.28 35.64 -7.40
C PHE E 88 -0.05 34.17 -7.11
N CYS E 89 0.46 33.26 -7.93
CA CYS E 89 0.22 31.82 -7.72
C CYS E 89 0.84 31.36 -6.40
N ASP F 5 27.65 22.58 -3.03
CA ASP F 5 26.78 22.65 -1.86
C ASP F 5 25.75 21.52 -1.91
N ASN F 6 24.58 21.74 -1.31
CA ASN F 6 23.53 20.72 -1.33
C ASN F 6 23.12 20.36 -2.75
N LEU F 7 23.27 21.29 -3.69
CA LEU F 7 22.74 21.15 -5.04
C LEU F 7 23.68 20.41 -5.98
N THR F 8 24.63 19.64 -5.44
CA THR F 8 25.56 18.91 -6.30
C THR F 8 24.85 17.90 -7.18
N HIS F 9 23.76 17.31 -6.69
CA HIS F 9 22.99 16.34 -7.46
C HIS F 9 22.30 16.96 -8.67
N CYS F 10 22.26 18.29 -8.77
CA CYS F 10 21.50 18.93 -9.82
C CYS F 10 22.24 19.02 -11.15
N ARG F 11 23.56 18.89 -11.14
CA ARG F 11 24.37 19.03 -12.35
C ARG F 11 24.08 20.37 -13.02
N LEU F 12 24.09 21.43 -12.21
CA LEU F 12 23.67 22.73 -12.71
C LEU F 12 24.70 23.31 -13.68
N PHE F 13 25.99 23.10 -13.42
CA PHE F 13 26.99 23.60 -14.35
C PHE F 13 26.89 22.90 -15.70
N GLU F 14 26.69 21.58 -15.69
CA GLU F 14 26.50 20.86 -16.95
C GLU F 14 25.25 21.37 -17.66
N PHE F 15 24.17 21.61 -16.92
CA PHE F 15 22.98 22.18 -17.54
C PHE F 15 23.30 23.53 -18.18
N ARG F 16 24.10 24.35 -17.50
CA ARG F 16 24.43 25.67 -18.04
C ARG F 16 25.22 25.54 -19.34
N LEU F 17 26.24 24.67 -19.36
CA LEU F 17 27.01 24.47 -20.60
C LEU F 17 26.11 24.06 -21.75
N CYS F 18 25.22 23.08 -21.53
CA CYS F 18 24.29 22.69 -22.59
C CYS F 18 23.47 23.88 -23.05
N LEU F 19 22.96 24.65 -22.08
CA LEU F 19 22.07 25.77 -22.41
C LEU F 19 22.82 26.84 -23.19
N LEU F 20 24.06 27.14 -22.80
CA LEU F 20 24.82 28.17 -23.51
C LEU F 20 25.15 27.75 -24.93
N GLU F 21 25.57 26.49 -25.12
CA GLU F 21 25.85 26.03 -26.47
C GLU F 21 24.58 25.97 -27.31
N CYS F 22 23.47 25.56 -26.69
CA CYS F 22 22.20 25.51 -27.41
C CYS F 22 21.77 26.89 -27.90
N MET F 23 21.88 27.90 -27.03
CA MET F 23 21.48 29.25 -27.43
C MET F 23 22.44 29.82 -28.48
N SER F 24 23.73 29.53 -28.35
CA SER F 24 24.69 30.01 -29.34
C SER F 24 24.36 29.47 -30.73
N LEU F 25 23.73 28.30 -30.80
CA LEU F 25 23.27 27.76 -32.07
C LEU F 25 21.90 28.27 -32.48
N THR F 26 21.29 29.14 -31.68
CA THR F 26 19.98 29.72 -32.01
C THR F 26 18.92 28.63 -32.23
N LEU F 27 18.93 27.63 -31.38
CA LEU F 27 17.95 26.54 -31.46
C LEU F 27 16.70 26.92 -30.67
N ASP F 28 15.62 26.20 -30.94
CA ASP F 28 14.36 26.42 -30.25
C ASP F 28 14.27 25.56 -28.99
N HIS F 29 13.62 26.11 -27.97
CA HIS F 29 13.25 25.37 -26.77
C HIS F 29 14.48 24.81 -26.05
N CYS F 30 15.51 25.64 -25.88
CA CYS F 30 16.75 25.17 -25.31
C CYS F 30 16.57 24.74 -23.85
N TYR F 31 15.79 25.49 -23.07
CA TYR F 31 15.56 25.11 -21.68
C TYR F 31 15.02 23.68 -21.60
N ALA F 32 13.99 23.37 -22.39
CA ALA F 32 13.42 22.03 -22.37
C ALA F 32 14.42 20.99 -22.84
N ARG F 33 15.03 21.22 -24.00
CA ARG F 33 15.91 20.21 -24.59
C ARG F 33 17.09 19.90 -23.68
N CYS F 34 17.65 20.93 -23.04
CA CYS F 34 18.80 20.69 -22.17
C CYS F 34 18.40 19.98 -20.89
N THR F 35 17.18 20.23 -20.38
CA THR F 35 16.68 19.44 -19.26
C THR F 35 16.60 17.97 -19.63
N THR F 36 16.08 17.67 -20.83
CA THR F 36 16.00 16.28 -21.27
C THR F 36 17.39 15.66 -21.35
N VAL F 37 18.35 16.42 -21.88
CA VAL F 37 19.70 15.88 -22.04
C VAL F 37 20.33 15.59 -20.68
N ILE F 38 20.19 16.53 -19.74
CA ILE F 38 20.78 16.34 -18.42
C ILE F 38 20.13 15.14 -17.74
N THR F 39 18.81 15.01 -17.88
CA THR F 39 18.11 13.86 -17.30
C THR F 39 18.61 12.55 -17.87
N GLN F 40 18.76 12.48 -19.19
CA GLN F 40 19.15 11.22 -19.84
C GLN F 40 20.60 10.86 -19.52
N ILE F 41 21.46 11.86 -19.30
CA ILE F 41 22.86 11.57 -18.99
C ILE F 41 23.04 11.27 -17.50
N HIS F 42 22.40 12.05 -16.64
CA HIS F 42 22.72 12.09 -15.22
C HIS F 42 21.65 11.56 -14.30
N GLY F 43 20.45 11.28 -14.81
CA GLY F 43 19.40 10.63 -14.05
C GLY F 43 18.42 11.59 -13.40
N SER F 44 17.51 10.99 -12.63
CA SER F 44 16.34 11.72 -12.13
C SER F 44 16.66 12.73 -11.04
N ASP F 45 17.78 12.58 -10.33
CA ASP F 45 18.11 13.52 -9.26
C ASP F 45 18.21 14.94 -9.78
N THR F 46 18.55 15.12 -11.06
CA THR F 46 18.66 16.46 -11.62
C THR F 46 17.28 17.12 -11.82
N ASN F 47 16.19 16.41 -11.53
CA ASN F 47 14.85 16.96 -11.63
C ASN F 47 14.20 17.19 -10.27
N ARG F 48 14.99 17.19 -9.20
CA ARG F 48 14.44 17.46 -7.89
C ARG F 48 13.95 18.90 -7.81
N PHE F 49 13.02 19.13 -6.87
CA PHE F 49 12.39 20.45 -6.78
C PHE F 49 13.41 21.51 -6.42
N ASP F 50 14.43 21.17 -5.64
CA ASP F 50 15.45 22.17 -5.32
C ASP F 50 16.23 22.57 -6.57
N CYS F 51 16.53 21.60 -7.45
CA CYS F 51 17.09 21.95 -8.75
C CYS F 51 16.16 22.86 -9.53
N THR F 52 14.86 22.55 -9.54
CA THR F 52 13.90 23.35 -10.29
C THR F 52 13.84 24.78 -9.75
N ILE F 53 14.00 24.95 -8.44
CA ILE F 53 14.00 26.30 -7.87
C ILE F 53 15.17 27.10 -8.40
N PHE F 54 16.37 26.51 -8.37
CA PHE F 54 17.55 27.18 -8.90
C PHE F 54 17.37 27.55 -10.37
N LYS F 55 16.98 26.57 -11.19
CA LYS F 55 16.85 26.81 -12.63
C LYS F 55 15.80 27.88 -12.91
N THR F 56 14.70 27.88 -12.14
CA THR F 56 13.64 28.85 -12.36
C THR F 56 14.12 30.26 -12.01
N CYS F 57 14.82 30.40 -10.88
CA CYS F 57 15.42 31.68 -10.54
C CYS F 57 16.38 32.13 -11.65
N TYR F 58 17.26 31.22 -12.06
CA TYR F 58 18.26 31.54 -13.07
C TYR F 58 17.61 31.92 -14.40
N TYR F 59 16.72 31.08 -14.91
CA TYR F 59 16.16 31.33 -16.25
C TYR F 59 15.14 32.47 -16.22
N ARG F 60 14.42 32.65 -15.10
CA ARG F 60 13.53 33.80 -15.00
C ARG F 60 14.31 35.10 -15.11
N CYS F 61 15.41 35.22 -14.35
CA CYS F 61 16.26 36.40 -14.46
C CYS F 61 16.62 36.67 -15.91
N TYR F 62 16.92 35.62 -16.66
CA TYR F 62 17.30 35.78 -18.07
C TYR F 62 16.13 36.26 -18.91
N VAL F 63 14.96 35.64 -18.76
CA VAL F 63 13.81 35.95 -19.62
C VAL F 63 13.36 37.39 -19.48
N LEU F 64 13.49 37.99 -18.30
CA LEU F 64 13.03 39.35 -18.06
C LEU F 64 14.03 40.40 -18.51
N GLY F 65 14.96 40.00 -19.37
CA GLY F 65 16.04 40.87 -19.78
C GLY F 65 17.28 40.45 -19.01
N LYS F 66 18.30 41.29 -19.06
CA LYS F 66 19.48 41.04 -18.23
C LYS F 66 20.30 39.88 -18.78
N THR F 67 21.59 39.88 -18.50
CA THR F 67 22.54 39.00 -19.17
C THR F 67 22.63 37.66 -18.47
N GLU F 68 22.87 36.61 -19.28
CA GLU F 68 22.97 35.26 -18.74
C GLU F 68 24.02 35.16 -17.65
N ASP F 69 25.17 35.81 -17.84
CA ASP F 69 26.26 35.67 -16.88
C ASP F 69 25.90 36.29 -15.54
N HIS F 70 25.27 37.47 -15.54
CA HIS F 70 24.85 38.03 -14.26
C HIS F 70 23.78 37.16 -13.60
N CYS F 71 22.82 36.69 -14.40
CA CYS F 71 21.79 35.81 -13.86
C CYS F 71 22.41 34.55 -13.25
N TRP F 72 23.38 33.95 -13.95
CA TRP F 72 24.02 32.77 -13.39
C TRP F 72 24.79 33.11 -12.12
N LYS F 73 25.67 34.12 -12.19
CA LYS F 73 26.45 34.46 -10.99
C LYS F 73 25.49 34.86 -9.85
N GLY F 74 24.44 35.62 -10.16
CA GLY F 74 23.52 36.05 -9.12
C GLY F 74 22.78 34.90 -8.45
N THR F 75 22.23 33.98 -9.26
CA THR F 75 21.51 32.85 -8.69
C THR F 75 22.44 31.97 -7.87
N ALA F 76 23.62 31.66 -8.42
CA ALA F 76 24.57 30.83 -7.69
C ALA F 76 25.01 31.51 -6.40
N THR F 77 25.00 32.85 -6.37
CA THR F 77 25.49 33.56 -5.19
C THR F 77 24.50 33.56 -4.04
N SER F 78 23.20 33.55 -4.34
CA SER F 78 22.18 33.80 -3.33
C SER F 78 21.14 32.70 -3.22
N VAL F 79 21.11 31.73 -4.13
CA VAL F 79 20.03 30.75 -4.20
C VAL F 79 20.58 29.40 -3.79
N THR F 80 20.00 28.86 -2.71
CA THR F 80 20.38 27.58 -2.13
C THR F 80 19.40 26.47 -2.46
N GLY F 81 18.33 26.76 -3.21
CA GLY F 81 17.33 25.76 -3.56
C GLY F 81 16.12 25.71 -2.66
N ASP F 82 16.05 26.57 -1.66
CA ASP F 82 14.90 26.63 -0.77
C ASP F 82 13.66 27.16 -1.48
N VAL F 83 12.49 26.72 -1.01
CA VAL F 83 11.23 27.08 -1.65
C VAL F 83 11.01 28.59 -1.59
N GLY F 84 11.47 29.22 -0.51
CA GLY F 84 11.35 30.66 -0.35
C GLY F 84 12.23 31.49 -1.26
N ASP F 85 13.25 30.87 -1.87
CA ASP F 85 14.19 31.64 -2.68
C ASP F 85 13.52 32.43 -3.79
N LEU F 86 12.33 32.03 -4.22
CA LEU F 86 11.66 32.72 -5.31
C LEU F 86 11.21 34.13 -4.93
N GLU F 87 11.09 34.44 -3.64
CA GLU F 87 10.56 35.74 -3.25
C GLU F 87 11.55 36.88 -3.47
N PHE F 88 12.81 36.58 -3.69
CA PHE F 88 13.82 37.61 -3.93
C PHE F 88 14.69 37.31 -5.14
N CYS F 89 15.02 36.05 -5.37
CA CYS F 89 15.93 35.66 -6.44
C CYS F 89 15.53 36.21 -7.80
N1 EPE G . -19.49 -5.00 4.62
C2 EPE G . -19.12 -5.19 6.01
C3 EPE G . -19.44 -6.59 6.51
N4 EPE G . -20.77 -7.05 6.17
C5 EPE G . -21.59 -6.27 5.25
C6 EPE G . -20.84 -5.39 4.25
C7 EPE G . -20.99 -8.49 6.19
C8 EPE G . -21.92 -8.81 7.36
O8 EPE G . -22.69 -9.94 7.07
C9 EPE G . -19.19 -3.66 4.15
C10 EPE G . -17.68 -3.38 4.16
S EPE G . -17.32 -1.90 3.17
O1S EPE G . -15.94 -1.37 3.43
O2S EPE G . -18.18 -0.73 3.59
O3S EPE G . -17.51 -2.21 1.70
H21 EPE G . -18.16 -5.04 6.10
H22 EPE G . -19.60 -4.55 6.56
H31 EPE G . -19.34 -6.61 7.48
H32 EPE G . -18.79 -7.21 6.12
H51 EPE G . -22.14 -6.89 4.74
H52 EPE G . -22.16 -5.70 5.78
H61 EPE G . -20.78 -5.88 3.41
H62 EPE G . -21.36 -4.59 4.11
H71 EPE G . -21.39 -8.77 5.36
H72 EPE G . -20.14 -8.94 6.31
H81 EPE G . -21.39 -8.99 8.15
H82 EPE G . -22.51 -8.05 7.52
HO8 EPE G . -23.25 -10.06 7.70
H91 EPE G . -19.63 -3.01 4.72
H92 EPE G . -19.53 -3.57 3.24
H101 EPE G . -17.38 -3.24 5.07
H102 EPE G . -17.21 -4.15 3.78
N1 EPE H . -10.31 -2.08 -19.33
C2 EPE H . -9.73 -1.20 -20.31
C3 EPE H . -10.55 -1.06 -21.58
N4 EPE H . -10.98 -2.31 -22.16
C5 EPE H . -10.81 -3.52 -21.37
C6 EPE H . -10.73 -3.37 -19.85
C7 EPE H . -12.21 -2.21 -22.93
C8 EPE H . -11.86 -2.37 -24.41
O8 EPE H . -10.55 -2.87 -24.53
C9 EPE H . -9.33 -2.30 -18.28
C10 EPE H . -8.97 -0.99 -17.58
S EPE H . -8.09 -1.30 -16.01
O1S EPE H . -9.02 -1.97 -15.05
O2S EPE H . -6.83 -2.11 -16.25
O3S EPE H . -7.52 -0.02 -15.44
H21 EPE H . -9.62 -0.32 -19.91
H22 EPE H . -8.85 -1.55 -20.56
H31 EPE H . -11.34 -0.54 -21.37
H32 EPE H . -10.02 -0.58 -22.25
H51 EPE H . -9.98 -3.94 -21.67
H52 EPE H . -11.54 -4.12 -21.58
H61 EPE H . -11.62 -3.57 -19.49
H62 EPE H . -10.10 -4.04 -19.52
H71 EPE H . -12.62 -1.34 -22.77
H72 EPE H . -12.83 -2.90 -22.66
H81 EPE H . -12.48 -2.99 -24.83
H82 EPE H . -11.92 -1.51 -24.85
HO8 EPE H . -10.13 -2.43 -25.13
H91 EPE H . -9.69 -2.92 -17.62
H92 EPE H . -8.53 -2.68 -18.67
H101 EPE H . -8.41 -0.46 -18.16
H102 EPE H . -9.79 -0.50 -17.38
N1 EPE I . 10.73 -14.68 11.51
C2 EPE I . 11.02 -13.81 10.38
C3 EPE I . 12.03 -14.38 9.39
N4 EPE I . 13.19 -14.94 10.06
C5 EPE I . 13.25 -15.05 11.50
C6 EPE I . 11.91 -15.18 12.21
C7 EPE I . 14.21 -15.60 9.25
C8 EPE I . 15.61 -15.15 9.69
O8 EPE I . 16.03 -15.98 10.74
C9 EPE I . 9.88 -14.00 12.49
C10 EPE I . 8.52 -13.64 11.89
S EPE I . 7.31 -13.15 13.16
O1S EPE I . 5.90 -13.33 12.64
O2S EPE I . 7.50 -13.90 14.45
O3S EPE I . 7.38 -11.66 13.39
H21 EPE I . 10.19 -13.63 9.91
H22 EPE I . 11.37 -12.96 10.72
H31 EPE I . 11.59 -15.09 8.88
H32 EPE I . 12.31 -13.68 8.79
H51 EPE I . 13.69 -14.26 11.83
H52 EPE I . 13.78 -15.84 11.72
H61 EPE I . 11.98 -14.71 13.05
H62 EPE I . 11.76 -16.12 12.38
H71 EPE I . 14.09 -15.37 8.31
H72 EPE I . 14.13 -16.55 9.36
H81 EPE I . 16.22 -15.23 8.95
H82 EPE I . 15.57 -14.23 10.01
HO8 EPE I . 16.82 -15.78 10.97
H91 EPE I . 10.32 -13.18 12.78
H92 EPE I . 9.75 -14.58 13.25
H101 EPE I . 8.17 -14.41 11.42
H102 EPE I . 8.64 -12.91 11.26
N1 EPE J . -3.52 -27.21 29.43
C2 EPE J . -4.60 -27.15 30.40
C3 EPE J . -4.11 -27.32 31.84
N4 EPE J . -3.18 -28.42 32.07
C5 EPE J . -2.71 -29.13 30.89
C6 EPE J . -2.65 -28.36 29.57
C7 EPE J . -2.03 -27.95 32.82
C8 EPE J . -2.01 -28.56 34.23
O8 EPE J . -3.30 -28.55 34.75
C9 EPE J . -4.01 -27.15 28.06
C10 EPE J . -4.70 -25.82 27.74
S EPE J . -4.90 -25.70 25.94
O1S EPE J . -3.57 -25.51 25.25
O2S EPE J . -5.63 -26.93 25.43
O3S EPE J . -5.85 -24.60 25.54
H21 EPE J . -5.23 -27.86 30.20
H22 EPE J . -5.04 -26.29 30.32
H31 EPE J . -4.89 -27.45 32.40
H32 EPE J . -3.67 -26.50 32.10
H51 EPE J . -3.30 -29.89 30.75
H52 EPE J . -1.82 -29.45 31.09
H61 EPE J . -2.87 -28.98 28.86
H62 EPE J . -1.74 -28.05 29.46
H71 EPE J . -2.08 -26.98 32.90
H72 EPE J . -1.22 -28.20 32.35
H81 EPE J . -1.68 -29.47 34.17
H82 EPE J . -1.41 -28.05 34.80
HO8 EPE J . -3.40 -29.22 35.27
H91 EPE J . -4.65 -27.87 27.93
H92 EPE J . -3.27 -27.27 27.46
H101 EPE J . -5.57 -25.79 28.17
H102 EPE J . -4.15 -25.08 28.06
N1 EPE K . 9.49 17.40 -1.64
C2 EPE K . 9.26 16.25 -0.78
C3 EPE K . 7.96 16.38 0.01
N4 EPE K . 7.75 17.66 0.67
C5 EPE K . 8.69 18.73 0.37
C6 EPE K . 9.38 18.71 -1.00
C7 EPE K . 6.38 18.10 0.50
C8 EPE K . 5.90 18.88 1.72
O8 EPE K . 5.68 18.01 2.79
C9 EPE K . 10.69 17.29 -2.46
C10 EPE K . 10.54 16.15 -3.48
S EPE K . 11.83 16.25 -4.76
O1S EPE K . 13.09 15.58 -4.27
O2S EPE K . 11.36 15.64 -6.05
O3S EPE K . 12.10 17.67 -5.18
H21 EPE K . 9.22 15.46 -1.34
H22 EPE K . 10.00 16.17 -0.16
H31 EPE K . 7.96 15.69 0.70
H32 EPE K . 7.22 16.23 -0.59
H51 EPE K . 8.20 19.57 0.43
H52 EPE K . 9.38 18.71 1.05
H61 EPE K . 10.28 19.05 -0.88
H62 EPE K . 8.89 19.29 -1.59
H71 EPE K . 6.32 18.66 -0.29
H72 EPE K . 5.81 17.32 0.38
H81 EPE K . 6.58 19.54 1.98
H82 EPE K . 5.08 19.35 1.50
HO8 EPE K . 5.41 18.44 3.47
H91 EPE K . 10.82 18.12 -2.94
H92 EPE K . 11.44 17.12 -1.89
H101 EPE K . 10.62 15.30 -3.01
H102 EPE K . 9.66 16.20 -3.89
N1 EPE L . 12.22 30.51 -23.72
C2 EPE L . 12.71 30.75 -25.06
C3 EPE L . 13.41 32.11 -25.21
N4 EPE L . 12.68 33.24 -24.66
C5 EPE L . 11.46 32.94 -23.92
C6 EPE L . 11.39 31.58 -23.21
C7 EPE L . 13.54 33.97 -23.75
C8 EPE L . 14.84 34.46 -24.39
O8 EPE L . 14.59 34.91 -25.69
C9 EPE L . 11.47 29.27 -23.63
C10 EPE L . 12.35 28.08 -24.01
S EPE L . 11.55 26.54 -23.47
O1S EPE L . 12.57 25.43 -23.38
O2S EPE L . 10.90 26.76 -22.11
O3S EPE L . 10.56 26.04 -24.49
H21 EPE L . 11.97 30.71 -25.68
H22 EPE L . 13.35 30.05 -25.29
H31 EPE L . 13.55 32.27 -26.15
H32 EPE L . 14.27 32.06 -24.76
H51 EPE L . 10.73 32.97 -24.54
H52 EPE L . 11.34 33.62 -23.25
H61 EPE L . 10.47 31.28 -23.24
H62 EPE L . 11.64 31.72 -22.28
H71 EPE L . 13.76 33.40 -23.00
H72 EPE L . 13.04 34.75 -23.42
H81 EPE L . 15.47 33.74 -24.42
H82 EPE L . 15.20 35.20 -23.87
HO8 EPE L . 15.31 34.84 -26.15
H91 EPE L . 10.71 29.31 -24.24
H92 EPE L . 11.15 29.15 -22.72
H101 EPE L . 12.46 28.05 -24.97
H102 EPE L . 13.21 28.17 -23.58
#